data_9FCF
#
_entry.id   9FCF
#
_cell.length_a   91.301
_cell.length_b   91.301
_cell.length_c   35.836
_cell.angle_alpha   90.000
_cell.angle_beta   90.000
_cell.angle_gamma   90.000
#
_symmetry.space_group_name_H-M   'P 4'
#
loop_
_entity.id
_entity.type
_entity.pdbx_description
1 polymer '1-(5-phosphoribosyl)-5-[(5-phosphoribosylamino)methylideneamino] imidazole-4-carboxamide isomerase, chloroplastic'
2 non-polymer '[(2R,3S,4R,5R)-5-[4-aminocarbonyl-5-[(E)-[[(2R,3R,4S,5R)-3,4-bis(oxidanyl)-5-(phosphonooxymethyl)oxolan-2-yl]amino]methylideneamino]imidazol-1-yl]-3,4-bis(oxidanyl)oxolan-2-yl]methyl dihydrogen phosphate'
3 non-polymer 'SODIUM ION'
4 non-polymer 'CHLORIDE ION'
5 water water
#
_entity_poly.entity_id   1
_entity_poly.type   'polypeptide(L)'
_entity_poly.pdbx_seq_one_letter_code
;SNASPPSIQCSVQFRPCINIHKGKVKQIVGSTLKDLKDDDGSDPITNFESDKSAAEYATLYKQDGLKGGHVIMLGADPFS
KAASLEALHAYPGGLQVGGGINSDNCLSYIEEGASHVIVTSYVFNNGQMDLERLKDLVRIVGKERLVLDLSCRKKEGKYA
IVTDRWQKFSDVSLDAKVMEFLANFADEFLVHGVDVEGKKLGIDEELVALLGKHSPIPVTYAGGVTVMDDLERIRTAGMD
NVDVTVGSALDIFGGNLAYKDVVAWHNQQKVSVA
;
_entity_poly.pdbx_strand_id   A
#
# COMPACT_ATOMS: atom_id res chain seq x y z
N SER A 4 21.87 5.38 -7.00
CA SER A 4 21.83 6.76 -6.53
C SER A 4 21.79 7.81 -7.66
N PRO A 5 22.61 7.67 -8.72
CA PRO A 5 22.47 8.58 -9.87
C PRO A 5 21.19 8.30 -10.62
N PRO A 6 20.61 9.32 -11.27
CA PRO A 6 19.26 9.18 -11.85
C PRO A 6 19.19 8.11 -12.93
N SER A 7 17.96 7.84 -13.37
CA SER A 7 17.72 6.83 -14.42
C SER A 7 16.75 7.40 -15.44
N ILE A 8 17.16 7.40 -16.71
CA ILE A 8 16.34 7.88 -17.81
C ILE A 8 15.23 6.89 -18.15
N GLN A 9 15.41 5.62 -17.80
CA GLN A 9 14.45 4.58 -18.14
C GLN A 9 13.39 4.37 -17.05
N CYS A 10 13.81 4.28 -15.78
CA CYS A 10 12.91 4.02 -14.68
C CYS A 10 12.60 5.30 -13.91
N SER A 11 11.44 5.30 -13.24
CA SER A 11 10.97 6.46 -12.48
C SER A 11 10.19 5.93 -11.28
N VAL A 12 10.78 6.02 -10.09
CA VAL A 12 10.12 5.52 -8.89
C VAL A 12 8.97 6.45 -8.50
N GLN A 13 7.78 5.88 -8.33
CA GLN A 13 6.59 6.67 -8.05
C GLN A 13 6.34 6.80 -6.56
N PHE A 14 5.92 7.98 -6.15
CA PHE A 14 5.36 8.21 -4.82
C PHE A 14 3.87 7.86 -4.88
N ARG A 15 3.45 6.93 -4.02
CA ARG A 15 2.06 6.48 -3.99
C ARG A 15 1.46 6.84 -2.64
N PRO A 16 0.63 7.88 -2.56
CA PRO A 16 0.12 8.35 -1.26
C PRO A 16 -0.91 7.38 -0.67
N CYS A 17 -1.25 7.60 0.59
CA CYS A 17 -2.20 6.74 1.27
C CYS A 17 -3.23 7.56 2.04
N ILE A 18 -4.38 6.94 2.29
CA ILE A 18 -5.40 7.51 3.19
C ILE A 18 -5.87 6.38 4.10
N ASN A 19 -5.51 6.46 5.37
CA ASN A 19 -5.76 5.41 6.35
C ASN A 19 -7.00 5.79 7.16
N ILE A 20 -8.12 5.12 6.88
CA ILE A 20 -9.41 5.40 7.52
C ILE A 20 -9.68 4.35 8.59
N HIS A 21 -9.69 4.76 9.85
CA HIS A 21 -10.01 3.92 10.98
C HIS A 21 -11.18 4.53 11.74
N LYS A 22 -12.17 3.68 12.09
CA LYS A 22 -13.37 4.12 12.81
C LYS A 22 -13.92 5.45 12.33
N GLY A 23 -14.02 5.62 11.01
CA GLY A 23 -14.63 6.79 10.42
C GLY A 23 -13.73 7.99 10.23
N LYS A 24 -12.51 7.97 10.76
CA LYS A 24 -11.62 9.13 10.68
C LYS A 24 -10.33 8.76 9.95
N VAL A 25 -9.71 9.80 9.38
CA VAL A 25 -8.38 9.66 8.79
C VAL A 25 -7.37 9.63 9.93
N LYS A 26 -6.51 8.61 9.95
CA LYS A 26 -5.50 8.46 10.98
C LYS A 26 -4.21 7.94 10.34
N GLN A 27 -3.12 8.06 11.09
CA GLN A 27 -1.94 7.24 10.85
C GLN A 27 -1.61 6.57 12.17
N ILE A 28 -1.28 5.28 12.11
CA ILE A 28 -1.04 4.50 13.31
C ILE A 28 0.11 3.55 13.06
N VAL A 29 0.59 2.96 14.16
CA VAL A 29 1.47 1.81 14.11
C VAL A 29 0.59 0.59 13.89
N GLY A 30 0.44 0.20 12.62
CA GLY A 30 -0.54 -0.81 12.26
C GLY A 30 -0.34 -2.13 12.99
N SER A 31 0.90 -2.46 13.35
CA SER A 31 1.17 -3.68 14.10
C SER A 31 0.63 -3.62 15.52
N THR A 32 0.14 -2.46 15.98
CA THR A 32 -0.47 -2.36 17.29
C THR A 32 -1.98 -2.46 17.26
N LEU A 33 -2.57 -2.65 16.08
CA LEU A 33 -4.00 -2.91 15.99
C LEU A 33 -4.28 -4.31 16.53
N LYS A 34 -5.27 -4.41 17.44
CA LYS A 34 -5.61 -5.65 18.12
C LYS A 34 -7.12 -5.82 18.10
N ASP A 35 -7.69 -6.05 16.92
CA ASP A 35 -9.14 -6.16 16.80
C ASP A 35 -9.58 -7.53 16.27
N LEU A 36 -8.78 -8.57 16.48
CA LEU A 36 -9.17 -9.90 15.99
C LEU A 36 -9.87 -10.69 17.09
N ASP A 43 -5.93 -0.78 22.34
CA ASP A 43 -5.97 0.42 21.48
C ASP A 43 -4.67 0.61 20.71
N PRO A 44 -4.78 0.82 19.40
CA PRO A 44 -3.58 0.98 18.58
C PRO A 44 -2.88 2.29 18.89
N ILE A 45 -1.55 2.27 18.82
CA ILE A 45 -0.80 3.51 18.97
C ILE A 45 -1.11 4.40 17.78
N THR A 46 -1.70 5.56 18.06
CA THR A 46 -2.14 6.49 17.03
C THR A 46 -1.12 7.62 16.88
N ASN A 47 -0.68 7.85 15.64
CA ASN A 47 0.27 8.93 15.35
C ASN A 47 -0.43 10.25 15.03
N PHE A 48 -1.70 10.20 14.64
CA PHE A 48 -2.40 11.37 14.11
C PHE A 48 -3.87 11.06 13.86
N GLU A 49 -4.77 11.93 14.31
CA GLU A 49 -6.18 11.84 13.98
C GLU A 49 -6.64 13.17 13.42
N SER A 50 -7.68 13.13 12.58
CA SER A 50 -8.20 14.35 11.98
C SER A 50 -9.66 14.16 11.58
N ASP A 51 -10.40 15.27 11.63
CA ASP A 51 -11.78 15.33 11.17
C ASP A 51 -11.89 15.83 9.73
N LYS A 52 -10.77 16.15 9.10
CA LYS A 52 -10.79 16.49 7.68
C LYS A 52 -11.31 15.29 6.89
N SER A 53 -12.31 15.53 6.06
CA SER A 53 -12.87 14.47 5.23
C SER A 53 -11.77 13.80 4.41
N ALA A 54 -11.90 12.48 4.22
CA ALA A 54 -10.95 11.78 3.36
C ALA A 54 -10.92 12.36 1.96
N ALA A 55 -12.03 12.99 1.52
CA ALA A 55 -12.09 13.62 0.20
C ALA A 55 -11.11 14.79 0.06
N GLU A 56 -10.67 15.41 1.15
CA GLU A 56 -9.75 16.51 0.98
C GLU A 56 -8.34 16.03 0.70
N TYR A 57 -7.96 14.91 1.31
CA TYR A 57 -6.68 14.29 0.97
C TYR A 57 -6.68 13.80 -0.47
N ALA A 58 -7.80 13.21 -0.91
CA ALA A 58 -7.89 12.77 -2.29
C ALA A 58 -7.74 13.94 -3.26
N THR A 59 -8.44 15.04 -2.99
CA THR A 59 -8.36 16.20 -3.87
C THR A 59 -6.94 16.74 -3.96
N LEU A 60 -6.21 16.72 -2.84
CA LEU A 60 -4.82 17.16 -2.86
C LEU A 60 -3.98 16.29 -3.79
N TYR A 61 -4.13 14.97 -3.68
CA TYR A 61 -3.37 14.06 -4.54
C TYR A 61 -3.72 14.26 -6.01
N LYS A 62 -5.01 14.34 -6.33
CA LYS A 62 -5.43 14.62 -7.70
C LYS A 62 -4.78 15.89 -8.24
N GLN A 63 -4.68 16.92 -7.41
CA GLN A 63 -4.08 18.18 -7.85
C GLN A 63 -2.64 17.99 -8.30
N ASP A 64 -1.87 17.24 -7.52
CA ASP A 64 -0.46 17.01 -7.79
C ASP A 64 -0.21 15.82 -8.72
N GLY A 65 -1.24 15.30 -9.39
CA GLY A 65 -1.06 14.28 -10.39
C GLY A 65 -0.51 12.95 -9.89
N LEU A 66 -0.51 12.75 -8.56
CA LEU A 66 -0.13 11.48 -7.99
C LEU A 66 -1.21 10.45 -8.28
N LYS A 67 -0.82 9.37 -8.97
CA LYS A 67 -1.73 8.28 -9.29
C LYS A 67 -1.33 7.02 -8.54
N GLY A 68 -2.30 6.14 -8.33
CA GLY A 68 -2.00 4.84 -7.77
C GLY A 68 -1.71 4.85 -6.29
N GLY A 69 -2.24 5.83 -5.56
CA GLY A 69 -2.26 5.76 -4.11
C GLY A 69 -3.37 4.86 -3.63
N HIS A 70 -3.45 4.66 -2.31
CA HIS A 70 -4.42 3.72 -1.78
C HIS A 70 -5.14 4.26 -0.55
N VAL A 71 -6.45 3.96 -0.48
CA VAL A 71 -7.28 4.17 0.70
C VAL A 71 -7.44 2.83 1.42
N ILE A 72 -7.23 2.83 2.73
CA ILE A 72 -7.36 1.64 3.57
C ILE A 72 -8.49 1.85 4.57
N MET A 73 -9.52 1.03 4.50
CA MET A 73 -10.58 0.99 5.51
C MET A 73 -10.14 0.03 6.59
N LEU A 74 -9.52 0.56 7.63
CA LEU A 74 -8.93 -0.27 8.68
C LEU A 74 -10.01 -0.57 9.72
N GLY A 75 -10.27 -1.85 9.93
CA GLY A 75 -11.29 -2.26 10.87
C GLY A 75 -12.67 -2.36 10.22
N ALA A 76 -13.59 -2.91 10.99
CA ALA A 76 -14.92 -3.26 10.49
C ALA A 76 -15.94 -2.13 10.64
N ASP A 77 -15.60 -1.04 11.32
CA ASP A 77 -16.52 0.07 11.50
C ASP A 77 -17.12 0.50 10.15
N PRO A 78 -18.45 0.52 10.02
CA PRO A 78 -19.07 0.85 8.73
C PRO A 78 -18.97 2.32 8.34
N PHE A 79 -18.70 3.22 9.28
CA PHE A 79 -18.48 4.60 8.90
C PHE A 79 -17.17 4.76 8.13
N SER A 80 -16.26 3.79 8.22
CA SER A 80 -15.08 3.85 7.38
C SER A 80 -15.43 3.62 5.92
N LYS A 81 -16.46 2.83 5.64
CA LYS A 81 -16.85 2.61 4.25
C LYS A 81 -17.31 3.91 3.59
N ALA A 82 -18.11 4.70 4.30
CA ALA A 82 -18.66 5.92 3.70
C ALA A 82 -17.58 6.99 3.49
N ALA A 83 -16.60 7.06 4.38
CA ALA A 83 -15.50 7.99 4.19
C ALA A 83 -14.63 7.59 2.99
N SER A 84 -14.51 6.30 2.71
CA SER A 84 -13.73 5.85 1.57
C SER A 84 -14.42 6.21 0.26
N LEU A 85 -15.75 6.11 0.23
CA LEU A 85 -16.45 6.47 -0.99
C LEU A 85 -16.35 7.96 -1.27
N GLU A 86 -16.21 8.78 -0.21
CA GLU A 86 -15.95 10.21 -0.40
C GLU A 86 -14.66 10.43 -1.18
N ALA A 87 -13.58 9.75 -0.77
CA ALA A 87 -12.30 9.95 -1.43
C ALA A 87 -12.33 9.43 -2.86
N LEU A 88 -12.95 8.27 -3.08
CA LEU A 88 -13.02 7.71 -4.42
C LEU A 88 -13.87 8.60 -5.33
N HIS A 89 -14.92 9.21 -4.79
CA HIS A 89 -15.76 10.10 -5.57
C HIS A 89 -15.04 11.39 -5.93
N ALA A 90 -14.13 11.85 -5.08
CA ALA A 90 -13.36 13.06 -5.32
C ALA A 90 -12.26 12.88 -6.37
N TYR A 91 -11.76 11.65 -6.54
CA TYR A 91 -10.61 11.37 -7.39
C TYR A 91 -10.85 10.10 -8.19
N PRO A 92 -11.90 10.07 -9.01
CA PRO A 92 -12.26 8.82 -9.70
C PRO A 92 -11.12 8.30 -10.57
N GLY A 93 -10.84 7.00 -10.43
CA GLY A 93 -9.76 6.35 -11.13
C GLY A 93 -8.38 6.59 -10.55
N GLY A 94 -8.25 7.44 -9.53
CA GLY A 94 -6.95 7.78 -8.99
C GLY A 94 -6.49 6.93 -7.83
N LEU A 95 -7.37 6.14 -7.23
CA LEU A 95 -7.06 5.48 -5.98
C LEU A 95 -7.37 3.98 -6.04
N GLN A 96 -6.45 3.21 -5.49
CA GLN A 96 -6.72 1.84 -5.10
C GLN A 96 -7.35 1.84 -3.73
N VAL A 97 -8.21 0.87 -3.46
CA VAL A 97 -8.89 0.80 -2.17
C VAL A 97 -8.81 -0.61 -1.62
N GLY A 98 -8.44 -0.72 -0.34
CA GLY A 98 -8.38 -2.00 0.32
C GLY A 98 -9.06 -1.95 1.68
N GLY A 99 -9.15 -3.12 2.30
CA GLY A 99 -9.70 -3.24 3.63
C GLY A 99 -10.90 -4.17 3.67
N GLY A 100 -10.64 -5.47 3.75
CA GLY A 100 -11.73 -6.44 3.79
C GLY A 100 -12.44 -6.67 2.49
N ILE A 101 -11.75 -6.53 1.35
CA ILE A 101 -12.34 -6.84 0.06
C ILE A 101 -12.44 -8.35 -0.11
N ASN A 102 -13.56 -8.81 -0.70
CA ASN A 102 -13.85 -10.22 -0.89
C ASN A 102 -14.59 -10.40 -2.22
N SER A 103 -15.19 -11.58 -2.40
CA SER A 103 -15.87 -11.89 -3.66
C SER A 103 -17.13 -11.05 -3.86
N ASP A 104 -17.85 -10.80 -2.77
CA ASP A 104 -19.20 -10.25 -2.86
C ASP A 104 -19.22 -8.74 -3.01
N ASN A 105 -18.13 -8.05 -2.65
CA ASN A 105 -18.12 -6.59 -2.71
C ASN A 105 -17.00 -5.99 -3.55
N CYS A 106 -16.12 -6.81 -4.14
CA CYS A 106 -14.96 -6.29 -4.85
C CYS A 106 -15.37 -5.43 -6.05
N LEU A 107 -16.31 -5.92 -6.86
CA LEU A 107 -16.75 -5.14 -8.01
C LEU A 107 -17.37 -3.81 -7.60
N SER A 108 -18.08 -3.78 -6.47
CA SER A 108 -18.76 -2.56 -6.07
C SER A 108 -17.78 -1.40 -5.92
N TYR A 109 -16.57 -1.70 -5.44
CA TYR A 109 -15.59 -0.64 -5.23
C TYR A 109 -15.02 -0.11 -6.54
N ILE A 110 -14.94 -0.97 -7.55
CA ILE A 110 -14.57 -0.51 -8.88
C ILE A 110 -15.62 0.48 -9.39
N GLU A 111 -16.89 0.13 -9.22
CA GLU A 111 -18.01 0.97 -9.65
C GLU A 111 -18.17 2.24 -8.82
N GLU A 112 -17.38 2.45 -7.78
CA GLU A 112 -17.40 3.71 -7.04
C GLU A 112 -16.23 4.62 -7.40
N GLY A 113 -15.41 4.25 -8.39
CA GLY A 113 -14.33 5.08 -8.84
C GLY A 113 -12.93 4.56 -8.55
N ALA A 114 -12.79 3.47 -7.83
CA ALA A 114 -11.47 2.91 -7.59
C ALA A 114 -10.90 2.31 -8.87
N SER A 115 -9.58 2.43 -9.03
CA SER A 115 -8.90 1.79 -10.15
C SER A 115 -8.50 0.36 -9.82
N HIS A 116 -8.41 0.02 -8.55
CA HIS A 116 -8.01 -1.30 -8.10
C HIS A 116 -8.67 -1.55 -6.76
N VAL A 117 -8.84 -2.83 -6.44
CA VAL A 117 -9.03 -3.26 -5.06
C VAL A 117 -7.75 -3.94 -4.61
N ILE A 118 -7.37 -3.72 -3.35
CA ILE A 118 -6.22 -4.34 -2.72
C ILE A 118 -6.74 -5.40 -1.77
N VAL A 119 -6.25 -6.63 -1.92
CA VAL A 119 -6.74 -7.79 -1.17
C VAL A 119 -5.57 -8.50 -0.51
N THR A 120 -5.79 -8.98 0.72
CA THR A 120 -4.90 -9.97 1.32
C THR A 120 -5.69 -11.12 1.92
N SER A 121 -6.47 -10.82 2.96
CA SER A 121 -7.01 -11.86 3.83
C SER A 121 -7.93 -12.81 3.09
N TYR A 122 -8.69 -12.31 2.12
CA TYR A 122 -9.69 -13.14 1.48
C TYR A 122 -9.05 -14.27 0.66
N VAL A 123 -7.83 -14.07 0.15
CA VAL A 123 -7.19 -15.09 -0.68
C VAL A 123 -6.32 -16.01 0.17
N PHE A 124 -6.52 -16.01 1.49
CA PHE A 124 -5.84 -16.91 2.40
C PHE A 124 -6.84 -17.68 3.26
N ASN A 125 -6.67 -19.00 3.32
CA ASN A 125 -7.44 -19.88 4.18
C ASN A 125 -6.51 -20.93 4.76
N ASN A 126 -6.65 -21.18 6.07
CA ASN A 126 -5.82 -22.17 6.77
C ASN A 126 -4.33 -21.88 6.61
N GLY A 127 -3.97 -20.59 6.54
CA GLY A 127 -2.60 -20.17 6.36
C GLY A 127 -2.05 -20.30 4.95
N GLN A 128 -2.85 -20.78 4.00
CA GLN A 128 -2.40 -21.06 2.65
C GLN A 128 -3.12 -20.17 1.65
N MET A 129 -2.45 -19.90 0.53
CA MET A 129 -3.08 -19.21 -0.59
C MET A 129 -4.22 -20.05 -1.14
N ASP A 130 -5.45 -19.51 -1.09
CA ASP A 130 -6.63 -20.20 -1.61
C ASP A 130 -6.76 -19.90 -3.10
N LEU A 131 -6.47 -20.91 -3.93
CA LEU A 131 -6.47 -20.72 -5.37
C LEU A 131 -7.86 -20.38 -5.90
N GLU A 132 -8.90 -21.01 -5.33
CA GLU A 132 -10.25 -20.78 -5.83
C GLU A 132 -10.77 -19.40 -5.47
N ARG A 133 -10.49 -18.93 -4.26
CA ARG A 133 -10.86 -17.55 -3.91
C ARG A 133 -10.12 -16.56 -4.81
N LEU A 134 -8.83 -16.79 -5.04
CA LEU A 134 -8.04 -15.91 -5.90
C LEU A 134 -8.58 -15.89 -7.32
N LYS A 135 -8.98 -17.05 -7.86
CA LYS A 135 -9.56 -17.07 -9.20
C LYS A 135 -10.92 -16.37 -9.25
N ASP A 136 -11.61 -16.27 -8.12
CA ASP A 136 -12.92 -15.62 -8.12
C ASP A 136 -12.79 -14.10 -8.24
N LEU A 137 -11.80 -13.51 -7.59
CA LEU A 137 -11.52 -12.08 -7.78
C LEU A 137 -11.23 -11.78 -9.23
N VAL A 138 -10.25 -12.48 -9.81
CA VAL A 138 -9.87 -12.24 -11.20
C VAL A 138 -11.07 -12.39 -12.13
N ARG A 139 -11.93 -13.38 -11.86
CA ARG A 139 -13.13 -13.57 -12.66
C ARG A 139 -14.04 -12.35 -12.59
N ILE A 140 -14.22 -11.77 -11.41
CA ILE A 140 -15.21 -10.71 -11.22
C ILE A 140 -14.66 -9.35 -11.65
N VAL A 141 -13.48 -8.95 -11.17
CA VAL A 141 -12.98 -7.62 -11.47
C VAL A 141 -11.89 -7.59 -12.54
N GLY A 142 -11.24 -8.71 -12.82
CA GLY A 142 -10.10 -8.69 -13.71
C GLY A 142 -8.79 -8.50 -12.96
N LYS A 143 -7.73 -9.11 -13.49
CA LYS A 143 -6.42 -9.00 -12.86
C LYS A 143 -5.92 -7.56 -12.90
N GLU A 144 -6.28 -6.83 -13.96
CA GLU A 144 -5.86 -5.45 -14.14
C GLU A 144 -6.42 -4.50 -13.07
N ARG A 145 -7.45 -4.92 -12.34
CA ARG A 145 -8.01 -4.10 -11.27
C ARG A 145 -7.90 -4.78 -9.93
N LEU A 146 -6.89 -5.64 -9.77
CA LEU A 146 -6.63 -6.31 -8.51
C LEU A 146 -5.18 -6.04 -8.10
N VAL A 147 -5.00 -5.66 -6.85
CA VAL A 147 -3.69 -5.48 -6.25
C VAL A 147 -3.62 -6.46 -5.09
N LEU A 148 -2.55 -7.24 -5.02
CA LEU A 148 -2.38 -8.19 -3.93
C LEU A 148 -1.39 -7.61 -2.94
N ASP A 149 -1.81 -7.56 -1.66
CA ASP A 149 -0.95 -7.07 -0.60
C ASP A 149 -0.30 -8.26 0.10
N LEU A 150 1.03 -8.28 0.08
CA LEU A 150 1.86 -9.35 0.63
C LEU A 150 2.70 -8.83 1.79
N SER A 151 2.08 -7.97 2.63
CA SER A 151 2.76 -7.47 3.81
C SER A 151 3.26 -8.62 4.67
N CYS A 152 4.41 -8.41 5.30
CA CYS A 152 5.14 -9.55 5.81
C CYS A 152 6.00 -9.13 6.99
N ARG A 153 6.60 -10.14 7.62
CA ARG A 153 7.32 -9.96 8.85
C ARG A 153 8.37 -11.06 8.94
N LYS A 154 9.64 -10.66 9.10
CA LYS A 154 10.75 -11.60 9.13
C LYS A 154 10.52 -12.65 10.22
N LYS A 155 10.53 -13.92 9.83
CA LYS A 155 10.26 -15.03 10.75
C LYS A 155 11.02 -16.27 10.31
N GLU A 156 11.98 -16.71 11.12
CA GLU A 156 12.86 -17.82 10.78
C GLU A 156 13.55 -17.59 9.43
N GLY A 157 14.19 -16.42 9.31
CA GLY A 157 15.02 -16.12 8.17
C GLY A 157 14.31 -15.73 6.90
N LYS A 158 12.99 -15.94 6.82
CA LYS A 158 12.19 -15.62 5.64
C LYS A 158 11.28 -14.44 5.94
N TYR A 159 10.48 -14.06 4.95
CA TYR A 159 9.42 -13.07 5.13
C TYR A 159 8.09 -13.80 5.06
N ALA A 160 7.50 -14.06 6.22
CA ALA A 160 6.18 -14.66 6.29
C ALA A 160 5.14 -13.58 5.98
N ILE A 161 4.22 -13.89 5.08
CA ILE A 161 3.10 -13.00 4.80
C ILE A 161 2.12 -13.02 5.98
N VAL A 162 1.61 -11.85 6.36
CA VAL A 162 0.69 -11.71 7.48
C VAL A 162 -0.68 -11.31 6.97
N THR A 163 -1.72 -11.84 7.62
CA THR A 163 -3.12 -11.69 7.24
C THR A 163 -3.91 -11.09 8.40
N ASP A 164 -5.17 -10.79 8.13
CA ASP A 164 -6.12 -10.36 9.16
C ASP A 164 -5.61 -9.13 9.92
N ARG A 165 -5.39 -8.06 9.14
CA ARG A 165 -4.91 -6.78 9.65
C ARG A 165 -3.59 -6.96 10.42
N TRP A 166 -2.78 -7.90 9.94
CA TRP A 166 -1.40 -8.13 10.36
C TRP A 166 -1.34 -8.85 11.70
N GLN A 167 -2.43 -9.51 12.10
CA GLN A 167 -2.52 -10.18 13.38
C GLN A 167 -2.49 -11.71 13.25
N LYS A 168 -2.04 -12.23 12.11
CA LYS A 168 -1.94 -13.67 11.93
C LYS A 168 -0.82 -13.98 10.94
N PHE A 169 0.12 -14.82 11.35
CA PHE A 169 1.12 -15.34 10.43
C PHE A 169 0.47 -16.33 9.47
N SER A 170 0.75 -16.18 8.19
CA SER A 170 0.34 -17.20 7.23
C SER A 170 1.41 -18.30 7.20
N ASP A 171 1.23 -19.27 6.31
CA ASP A 171 2.25 -20.29 6.09
C ASP A 171 2.97 -20.09 4.76
N VAL A 172 2.67 -19.02 4.05
CA VAL A 172 3.34 -18.67 2.81
C VAL A 172 4.39 -17.62 3.12
N SER A 173 5.60 -17.82 2.63
CA SER A 173 6.66 -16.82 2.75
C SER A 173 6.78 -16.06 1.44
N LEU A 174 7.18 -14.80 1.54
CA LEU A 174 7.34 -13.96 0.34
C LEU A 174 8.69 -14.24 -0.29
N ASP A 175 8.68 -14.81 -1.50
CA ASP A 175 9.91 -15.12 -2.21
C ASP A 175 9.63 -15.02 -3.71
N ALA A 176 10.66 -15.36 -4.50
CA ALA A 176 10.55 -15.23 -5.95
C ALA A 176 9.43 -16.10 -6.52
N LYS A 177 9.34 -17.35 -6.05
CA LYS A 177 8.33 -18.28 -6.58
C LYS A 177 6.92 -17.81 -6.29
N VAL A 178 6.69 -17.23 -5.11
CA VAL A 178 5.35 -16.73 -4.80
C VAL A 178 4.99 -15.54 -5.70
N MET A 179 5.94 -14.64 -5.95
CA MET A 179 5.60 -13.45 -6.73
C MET A 179 5.37 -13.80 -8.19
N GLU A 180 6.19 -14.71 -8.73
CA GLU A 180 5.98 -15.21 -10.09
C GLU A 180 4.60 -15.80 -10.25
N PHE A 181 4.10 -16.48 -9.21
CA PHE A 181 2.79 -17.12 -9.27
C PHE A 181 1.66 -16.08 -9.14
N LEU A 182 1.65 -15.31 -8.05
CA LEU A 182 0.57 -14.36 -7.86
C LEU A 182 0.55 -13.27 -8.93
N ALA A 183 1.65 -13.08 -9.67
CA ALA A 183 1.66 -12.09 -10.74
C ALA A 183 0.72 -12.44 -11.88
N ASN A 184 0.29 -13.70 -12.00
CA ASN A 184 -0.76 -14.06 -12.95
C ASN A 184 -2.15 -13.62 -12.49
N PHE A 185 -2.26 -12.99 -11.32
CA PHE A 185 -3.54 -12.61 -10.76
C PHE A 185 -3.61 -11.16 -10.29
N ALA A 186 -2.49 -10.43 -10.33
CA ALA A 186 -2.40 -9.10 -9.75
C ALA A 186 -1.71 -8.16 -10.72
N ASP A 187 -2.34 -6.99 -10.94
CA ASP A 187 -1.70 -5.92 -11.72
C ASP A 187 -0.45 -5.41 -11.02
N GLU A 188 -0.47 -5.36 -9.68
CA GLU A 188 0.58 -4.77 -8.88
C GLU A 188 0.62 -5.48 -7.54
N PHE A 189 1.76 -5.34 -6.87
CA PHE A 189 1.93 -5.78 -5.49
C PHE A 189 2.07 -4.56 -4.57
N LEU A 190 1.44 -4.64 -3.41
CA LEU A 190 1.65 -3.72 -2.31
C LEU A 190 2.21 -4.50 -1.13
N VAL A 191 3.30 -4.01 -0.53
CA VAL A 191 4.01 -4.76 0.51
C VAL A 191 4.41 -3.82 1.63
N HIS A 192 3.79 -3.96 2.81
CA HIS A 192 4.17 -3.25 4.02
C HIS A 192 5.25 -4.03 4.76
N GLY A 193 6.29 -3.32 5.21
CA GLY A 193 7.24 -3.89 6.13
C GLY A 193 6.72 -3.68 7.53
N VAL A 194 5.87 -4.59 8.02
CA VAL A 194 5.03 -4.25 9.16
C VAL A 194 5.85 -4.00 10.42
N ASP A 195 7.00 -4.67 10.58
CA ASP A 195 7.83 -4.47 11.76
C ASP A 195 8.18 -3.00 11.96
N VAL A 196 8.48 -2.30 10.86
CA VAL A 196 8.90 -0.91 10.92
C VAL A 196 7.77 0.07 10.63
N GLU A 197 6.59 -0.43 10.27
CA GLU A 197 5.53 0.43 9.76
C GLU A 197 5.01 1.34 10.86
N GLY A 198 4.82 2.61 10.51
CA GLY A 198 4.24 3.61 11.39
C GLY A 198 5.11 4.04 12.55
N LYS A 199 6.34 3.55 12.65
CA LYS A 199 7.19 3.80 13.81
C LYS A 199 8.25 4.86 13.57
N LYS A 200 8.33 5.43 12.36
CA LYS A 200 9.19 6.60 12.09
C LYS A 200 10.66 6.36 12.45
N LEU A 201 11.16 5.16 12.17
CA LEU A 201 12.52 4.79 12.52
C LEU A 201 13.38 4.42 11.31
N GLY A 202 12.86 4.54 10.09
CA GLY A 202 13.57 4.08 8.91
C GLY A 202 12.91 2.83 8.33
N ILE A 203 13.45 2.41 7.19
CA ILE A 203 12.77 1.41 6.37
C ILE A 203 13.40 0.04 6.55
N ASP A 204 12.85 -0.94 5.86
CA ASP A 204 13.39 -2.30 5.82
C ASP A 204 14.14 -2.43 4.50
N GLU A 205 15.46 -2.27 4.54
CA GLU A 205 16.24 -2.32 3.31
C GLU A 205 16.24 -3.72 2.72
N GLU A 206 16.31 -4.75 3.57
CA GLU A 206 16.32 -6.12 3.07
C GLU A 206 15.04 -6.43 2.31
N LEU A 207 13.89 -5.99 2.83
CA LEU A 207 12.63 -6.27 2.14
C LEU A 207 12.55 -5.53 0.82
N VAL A 208 12.94 -4.26 0.80
CA VAL A 208 12.95 -3.50 -0.45
C VAL A 208 13.86 -4.16 -1.47
N ALA A 209 15.05 -4.60 -1.03
CA ALA A 209 15.96 -5.28 -1.95
C ALA A 209 15.32 -6.53 -2.51
N LEU A 210 14.62 -7.29 -1.67
CA LEU A 210 13.89 -8.46 -2.14
C LEU A 210 12.84 -8.07 -3.18
N LEU A 211 11.98 -7.11 -2.84
CA LEU A 211 10.91 -6.69 -3.74
C LEU A 211 11.46 -6.23 -5.09
N GLY A 212 12.61 -5.55 -5.08
CA GLY A 212 13.16 -5.04 -6.32
C GLY A 212 13.88 -6.07 -7.16
N LYS A 213 14.31 -7.18 -6.56
CA LYS A 213 14.99 -8.20 -7.33
C LYS A 213 14.00 -9.15 -8.01
N HIS A 214 12.95 -9.55 -7.30
CA HIS A 214 12.17 -10.71 -7.71
C HIS A 214 10.71 -10.44 -8.07
N SER A 215 10.22 -9.21 -7.95
CA SER A 215 8.84 -8.93 -8.35
C SER A 215 8.77 -8.67 -9.84
N PRO A 216 8.00 -9.45 -10.61
CA PRO A 216 7.88 -9.19 -12.05
C PRO A 216 6.85 -8.14 -12.42
N ILE A 217 6.02 -7.69 -11.47
CA ILE A 217 5.03 -6.65 -11.74
C ILE A 217 5.34 -5.46 -10.85
N PRO A 218 4.74 -4.28 -11.07
CA PRO A 218 5.06 -3.13 -10.20
C PRO A 218 4.75 -3.44 -8.75
N VAL A 219 5.63 -2.99 -7.87
CA VAL A 219 5.48 -3.24 -6.44
C VAL A 219 5.73 -1.95 -5.68
N THR A 220 4.80 -1.60 -4.79
CA THR A 220 4.90 -0.44 -3.91
C THR A 220 5.33 -0.92 -2.52
N TYR A 221 6.45 -0.41 -2.03
CA TYR A 221 6.81 -0.68 -0.63
C TYR A 221 6.23 0.42 0.26
N ALA A 222 5.81 0.03 1.47
CA ALA A 222 5.33 0.95 2.48
C ALA A 222 5.90 0.56 3.83
N GLY A 223 6.15 1.58 4.67
CA GLY A 223 6.55 1.32 6.04
C GLY A 223 7.81 2.03 6.50
N GLY A 224 7.64 3.02 7.38
CA GLY A 224 8.77 3.60 8.08
C GLY A 224 9.59 4.61 7.32
N VAL A 225 9.15 5.05 6.13
CA VAL A 225 9.89 6.12 5.45
C VAL A 225 9.78 7.38 6.29
N THR A 226 10.93 7.96 6.64
CA THR A 226 10.99 9.00 7.67
C THR A 226 11.69 10.27 7.23
N VAL A 227 12.77 10.17 6.45
CA VAL A 227 13.48 11.35 5.94
C VAL A 227 13.70 11.18 4.44
N MET A 228 14.00 12.29 3.77
CA MET A 228 14.21 12.27 2.34
C MET A 228 15.28 11.26 1.93
N ASP A 229 16.32 11.12 2.76
CA ASP A 229 17.36 10.14 2.48
C ASP A 229 16.80 8.72 2.42
N ASP A 230 15.66 8.46 3.07
CA ASP A 230 15.04 7.15 2.97
C ASP A 230 14.40 6.93 1.60
N LEU A 231 13.99 8.01 0.93
CA LEU A 231 13.53 7.84 -0.44
C LEU A 231 14.65 7.41 -1.36
N GLU A 232 15.87 7.90 -1.12
CA GLU A 232 17.02 7.50 -1.93
C GLU A 232 17.45 6.06 -1.65
N ARG A 233 17.10 5.52 -0.48
CA ARG A 233 17.36 4.11 -0.22
C ARG A 233 16.38 3.21 -0.97
N ILE A 234 15.13 3.65 -1.08
CA ILE A 234 14.14 2.96 -1.92
C ILE A 234 14.68 2.79 -3.34
N ARG A 235 15.22 3.87 -3.91
CA ARG A 235 15.84 3.76 -5.23
C ARG A 235 17.05 2.82 -5.21
N THR A 236 17.93 3.00 -4.23
CA THR A 236 19.19 2.24 -4.20
C THR A 236 18.92 0.76 -3.96
N ALA A 237 18.31 0.43 -2.82
CA ALA A 237 18.06 -0.98 -2.52
C ALA A 237 17.11 -1.60 -3.52
N GLY A 238 16.12 -0.84 -3.99
CA GLY A 238 15.12 -1.31 -4.92
C GLY A 238 15.48 -1.27 -6.39
N MET A 239 16.69 -0.82 -6.73
CA MET A 239 17.15 -0.76 -8.11
C MET A 239 16.14 -0.08 -9.02
N ASP A 240 15.53 0.99 -8.50
CA ASP A 240 14.54 1.79 -9.22
C ASP A 240 13.36 0.96 -9.72
N ASN A 241 13.05 -0.14 -9.01
CA ASN A 241 11.92 -1.00 -9.34
C ASN A 241 10.77 -0.89 -8.36
N VAL A 242 10.96 -0.23 -7.21
CA VAL A 242 10.00 -0.27 -6.11
C VAL A 242 9.45 1.14 -5.88
N ASP A 243 8.13 1.29 -5.96
CA ASP A 243 7.46 2.50 -5.55
C ASP A 243 7.34 2.55 -4.03
N VAL A 244 7.05 3.73 -3.49
CA VAL A 244 7.17 3.95 -2.06
C VAL A 244 5.98 4.74 -1.54
N THR A 245 5.48 4.34 -0.37
CA THR A 245 4.44 5.06 0.35
C THR A 245 5.01 5.65 1.64
N VAL A 246 4.65 6.89 1.92
CA VAL A 246 4.94 7.55 3.20
C VAL A 246 3.62 7.94 3.83
N GLY A 247 3.47 7.61 5.12
CA GLY A 247 2.25 7.96 5.82
C GLY A 247 2.48 8.74 7.10
N SER A 248 2.91 8.05 8.15
CA SER A 248 3.04 8.69 9.45
C SER A 248 4.09 9.80 9.48
N ALA A 249 5.03 9.82 8.54
CA ALA A 249 6.05 10.85 8.56
C ALA A 249 5.64 12.13 7.84
N LEU A 250 4.67 12.06 6.92
CA LEU A 250 4.22 13.23 6.20
C LEU A 250 3.66 14.28 7.16
N ASP A 251 3.98 15.55 6.87
CA ASP A 251 3.51 16.64 7.70
C ASP A 251 1.99 16.75 7.70
N ILE A 252 1.33 16.28 6.63
CA ILE A 252 -0.14 16.30 6.62
C ILE A 252 -0.74 15.20 7.47
N PHE A 253 0.07 14.25 7.96
CA PHE A 253 -0.34 13.27 8.96
C PHE A 253 0.47 13.43 10.25
N GLY A 254 0.86 14.66 10.55
CA GLY A 254 1.49 14.98 11.82
C GLY A 254 2.97 14.71 11.90
N GLY A 255 3.66 14.49 10.78
CA GLY A 255 5.06 14.18 10.78
C GLY A 255 5.92 15.41 10.46
N ASN A 256 7.21 15.15 10.25
CA ASN A 256 8.18 16.20 9.93
C ASN A 256 8.51 16.29 8.45
N LEU A 257 8.07 15.34 7.63
CA LEU A 257 8.46 15.26 6.23
C LEU A 257 7.47 16.04 5.38
N ALA A 258 7.98 17.03 4.65
CA ALA A 258 7.11 17.90 3.86
C ALA A 258 6.51 17.11 2.69
N TYR A 259 5.17 17.02 2.68
CA TYR A 259 4.48 16.41 1.56
C TYR A 259 4.85 17.08 0.24
N LYS A 260 5.06 18.40 0.25
CA LYS A 260 5.43 19.09 -0.97
C LYS A 260 6.83 18.69 -1.43
N ASP A 261 7.75 18.45 -0.49
CA ASP A 261 9.07 17.95 -0.87
C ASP A 261 8.98 16.55 -1.48
N VAL A 262 8.14 15.68 -0.90
CA VAL A 262 8.00 14.32 -1.42
C VAL A 262 7.39 14.34 -2.82
N VAL A 263 6.47 15.28 -3.08
CA VAL A 263 5.92 15.43 -4.43
C VAL A 263 6.99 15.92 -5.40
N ALA A 264 7.81 16.89 -4.97
CA ALA A 264 8.88 17.38 -5.83
C ALA A 264 9.85 16.26 -6.18
N TRP A 265 10.19 15.42 -5.20
CA TRP A 265 11.06 14.27 -5.46
C TRP A 265 10.40 13.31 -6.44
N HIS A 266 9.09 13.11 -6.32
CA HIS A 266 8.38 12.22 -7.25
C HIS A 266 8.47 12.73 -8.68
N ASN A 267 8.34 14.05 -8.87
CA ASN A 267 8.43 14.62 -10.21
C ASN A 267 9.87 14.65 -10.72
N GLN A 268 10.85 14.73 -9.82
CA GLN A 268 12.24 14.69 -10.24
C GLN A 268 12.63 13.34 -10.86
N GLN A 269 11.85 12.28 -10.62
CA GLN A 269 12.18 10.96 -11.14
C GLN A 269 11.79 10.78 -12.60
N LYS A 270 10.90 11.63 -13.14
CA LYS A 270 10.56 11.62 -14.56
C LYS A 270 11.62 12.39 -15.36
N VAL A 271 12.82 11.83 -15.40
CA VAL A 271 13.98 12.52 -16.06
C VAL A 271 13.84 12.46 -17.58
N SER A 272 13.65 13.61 -18.21
CA SER A 272 13.59 13.64 -19.70
C SER A 272 14.92 14.20 -20.22
N VAL A 273 15.49 13.55 -21.23
CA VAL A 273 16.74 14.05 -21.86
C VAL A 273 16.38 15.36 -22.58
N ALA A 274 15.17 15.42 -23.11
CA ALA A 274 14.69 16.62 -23.82
C ALA A 274 13.77 17.43 -22.92
#